data_7LB2
#
_entry.id   7LB2
#
_cell.length_a   45.237
_cell.length_b   55.001
_cell.length_c   121.651
_cell.angle_alpha   90.000
_cell.angle_beta   90.000
_cell.angle_gamma   90.000
#
_symmetry.space_group_name_H-M   'P 21 21 21'
#
loop_
_entity.id
_entity.type
_entity.pdbx_description
1 polymer 'Transcription initiation factor TFIID subunit 1'
2 non-polymer 1,2-ETHANEDIOL
3 non-polymer HEXANE-1,6-DIOL
4 non-polymer (3R)-3-methyl-4-{6-[1-(S-methylsulfonimidoyl)cyclopropyl]-2-(naphthalen-1-yl)pyrimidin-4-yl}morpholine
5 water water
#
_entity_poly.entity_id   1
_entity_poly.type   'polypeptide(L)'
_entity_poly.pdbx_seq_one_letter_code
;SMSIHRRRTDPMVTLSSILESIINDMRDLPNTYPFHTPVNAKVVKDYYKIITRPMDLQTLRENVRKRLYPSREEFREHLE
LIVKNSATYNGPKHSLTQISQSMLDLCDEKLKEKEDKLARLEKAINPLLDDDDQVAFSFILDNIVTQKMMAVPDSWPFHH
PVNKKFVPDYYKVIVNPMDLETIRKNISKHKYQSRESFLDDVNLILANSVKYNGPESQYTKTAQEIVNVCYQTLTEYDEH
LTQLEKDICTAKEAALEEAELESLD
;
_entity_poly.pdbx_strand_id   A
#
# COMPACT_ATOMS: atom_id res chain seq x y z
N THR A 9 12.11 22.47 -13.97
CA THR A 9 12.12 22.70 -12.53
C THR A 9 12.23 21.39 -11.73
N ASP A 10 11.77 21.41 -10.47
CA ASP A 10 11.79 20.29 -9.54
C ASP A 10 10.62 19.37 -9.86
N PRO A 11 10.86 18.15 -10.32
CA PRO A 11 9.72 17.30 -10.72
C PRO A 11 8.78 16.98 -9.56
N MET A 12 9.25 17.02 -8.31
CA MET A 12 8.32 16.81 -7.20
C MET A 12 7.30 17.94 -7.10
N VAL A 13 7.71 19.16 -7.45
CA VAL A 13 6.80 20.30 -7.45
C VAL A 13 5.76 20.17 -8.56
N THR A 14 6.22 19.83 -9.77
CA THR A 14 5.28 19.63 -10.87
C THR A 14 4.27 18.54 -10.52
N LEU A 15 4.78 17.40 -10.04
CA LEU A 15 3.90 16.31 -9.62
C LEU A 15 2.89 16.79 -8.58
N SER A 16 3.36 17.49 -7.55
CA SER A 16 2.48 17.96 -6.49
C SER A 16 1.40 18.90 -7.03
N SER A 17 1.74 19.70 -8.04
CA SER A 17 0.74 20.59 -8.60
C SER A 17 -0.36 19.82 -9.32
N ILE A 18 0.02 18.76 -10.04
CA ILE A 18 -0.97 17.89 -10.68
C ILE A 18 -1.87 17.23 -9.64
N LEU A 19 -1.28 16.70 -8.58
CA LEU A 19 -2.08 16.02 -7.56
C LEU A 19 -3.03 17.00 -6.89
N GLU A 20 -2.55 18.21 -6.57
CA GLU A 20 -3.45 19.19 -5.97
C GLU A 20 -4.60 19.52 -6.89
N SER A 21 -4.34 19.60 -8.20
CA SER A 21 -5.41 19.87 -9.14
C SER A 21 -6.46 18.76 -9.13
N ILE A 22 -6.03 17.51 -8.95
CA ILE A 22 -6.97 16.41 -8.85
C ILE A 22 -7.81 16.55 -7.59
N ILE A 23 -7.19 16.95 -6.48
CA ILE A 23 -7.97 17.18 -5.27
C ILE A 23 -9.01 18.28 -5.49
N ASN A 24 -8.62 19.37 -6.18
CA ASN A 24 -9.58 20.43 -6.49
C ASN A 24 -10.77 19.85 -7.26
N ASP A 25 -10.50 18.97 -8.22
CA ASP A 25 -11.59 18.40 -9.02
C ASP A 25 -12.48 17.49 -8.18
N MET A 26 -11.89 16.65 -7.31
CA MET A 26 -12.74 15.82 -6.46
C MET A 26 -13.51 16.59 -5.41
N ARG A 27 -12.92 17.66 -4.88
CA ARG A 27 -13.64 18.50 -3.93
C ARG A 27 -14.92 19.07 -4.54
N ASP A 28 -14.91 19.33 -5.86
CA ASP A 28 -16.04 19.90 -6.59
C ASP A 28 -17.15 18.89 -6.93
N LEU A 29 -16.96 17.61 -6.65
CA LEU A 29 -18.01 16.66 -6.95
C LEU A 29 -19.15 16.83 -5.95
N PRO A 30 -20.37 16.51 -6.35
CA PRO A 30 -21.50 16.68 -5.45
C PRO A 30 -21.42 15.87 -4.18
N ASN A 31 -21.83 16.52 -3.11
CA ASN A 31 -22.05 15.91 -1.81
C ASN A 31 -20.77 15.41 -1.14
N THR A 32 -19.61 15.89 -1.58
CA THR A 32 -18.35 15.39 -1.04
C THR A 32 -17.89 16.06 0.26
N TYR A 33 -18.57 17.11 0.72
CA TYR A 33 -18.07 17.84 1.88
C TYR A 33 -17.73 16.98 3.08
N PRO A 34 -18.51 15.93 3.42
CA PRO A 34 -18.15 15.13 4.60
C PRO A 34 -16.74 14.55 4.54
N PHE A 35 -16.11 14.54 3.37
CA PHE A 35 -14.77 14.02 3.16
C PHE A 35 -13.73 15.13 3.02
N HIS A 36 -14.14 16.40 3.09
CA HIS A 36 -13.18 17.47 2.88
C HIS A 36 -12.26 17.68 4.06
N THR A 37 -12.66 17.26 5.25
CA THR A 37 -11.91 17.52 6.47
C THR A 37 -11.95 16.29 7.36
N PRO A 38 -11.04 16.20 8.33
CA PRO A 38 -11.01 15.00 9.17
C PRO A 38 -12.32 14.79 9.91
N VAL A 39 -12.70 13.53 10.07
CA VAL A 39 -13.79 13.19 11.00
C VAL A 39 -13.48 13.76 12.38
N ASN A 40 -14.49 14.39 12.99
CA ASN A 40 -14.42 14.92 14.35
C ASN A 40 -14.69 13.78 15.33
N ALA A 41 -13.64 13.23 15.91
CA ALA A 41 -13.79 12.10 16.81
C ALA A 41 -14.42 12.44 18.14
N LYS A 42 -14.62 13.71 18.47
CA LYS A 42 -15.39 14.02 19.67
C LYS A 42 -16.88 14.07 19.37
N VAL A 43 -17.24 14.13 18.10
CA VAL A 43 -18.63 13.93 17.72
C VAL A 43 -18.91 12.47 17.39
N VAL A 44 -18.06 11.90 16.55
CA VAL A 44 -18.18 10.49 16.17
C VAL A 44 -17.27 9.72 17.13
N LYS A 45 -17.80 9.42 18.31
CA LYS A 45 -16.94 9.06 19.43
C LYS A 45 -16.28 7.69 19.29
N ASP A 46 -16.84 6.80 18.47
CA ASP A 46 -16.28 5.47 18.29
C ASP A 46 -15.45 5.37 17.03
N TYR A 47 -15.19 6.50 16.36
CA TYR A 47 -14.58 6.43 15.04
C TYR A 47 -13.23 5.72 15.07
N TYR A 48 -12.36 6.06 16.02
CA TYR A 48 -11.04 5.44 16.07
C TYR A 48 -11.08 4.04 16.65
N LYS A 49 -12.20 3.62 17.26
CA LYS A 49 -12.34 2.25 17.68
C LYS A 49 -12.60 1.34 16.48
N ILE A 50 -13.03 1.93 15.37
CA ILE A 50 -13.38 1.17 14.19
C ILE A 50 -12.37 1.37 13.07
N ILE A 51 -11.85 2.59 12.91
CA ILE A 51 -10.98 2.98 11.80
C ILE A 51 -9.54 3.14 12.27
N THR A 52 -8.62 2.54 11.54
CA THR A 52 -7.21 2.54 11.91
C THR A 52 -6.40 3.60 11.20
N ARG A 53 -6.78 3.98 9.98
CA ARG A 53 -6.02 4.91 9.15
C ARG A 53 -6.95 5.99 8.64
N PRO A 54 -7.31 6.97 9.48
CA PRO A 54 -8.20 8.06 9.02
C PRO A 54 -7.57 8.85 7.88
N MET A 55 -8.42 9.30 6.95
CA MET A 55 -7.93 10.14 5.86
C MET A 55 -9.09 11.00 5.34
N ASP A 56 -8.75 12.15 4.75
CA ASP A 56 -9.71 13.12 4.22
C ASP A 56 -8.97 13.98 3.20
N LEU A 57 -9.71 14.80 2.44
CA LEU A 57 -9.06 15.52 1.35
C LEU A 57 -8.11 16.62 1.85
N GLN A 58 -8.42 17.25 3.00
CA GLN A 58 -7.53 18.29 3.53
C GLN A 58 -6.21 17.69 3.96
N THR A 59 -6.25 16.56 4.66
CA THR A 59 -5.02 15.89 5.05
C THR A 59 -4.26 15.46 3.81
N LEU A 60 -4.98 14.95 2.80
CA LEU A 60 -4.37 14.55 1.54
C LEU A 60 -3.68 15.74 0.89
N ARG A 61 -4.34 16.88 0.85
CA ARG A 61 -3.76 18.08 0.26
C ARG A 61 -2.54 18.57 1.04
N GLU A 62 -2.63 18.53 2.37
CA GLU A 62 -1.49 18.97 3.17
C GLU A 62 -0.31 18.02 2.95
N ASN A 63 -0.59 16.73 2.77
CA ASN A 63 0.48 15.77 2.49
C ASN A 63 1.11 16.00 1.12
N VAL A 64 0.29 16.34 0.12
CA VAL A 64 0.83 16.71 -1.18
C VAL A 64 1.78 17.89 -1.01
N ARG A 65 1.41 18.86 -0.19
CA ARG A 65 2.25 20.04 0.00
C ARG A 65 3.50 19.72 0.81
N LYS A 66 3.44 18.73 1.70
CA LYS A 66 4.62 18.24 2.41
C LYS A 66 5.50 17.34 1.55
N ARG A 67 5.18 17.17 0.27
CA ARG A 67 5.98 16.37 -0.67
C ARG A 67 6.08 14.91 -0.25
N LEU A 68 5.00 14.38 0.32
CA LEU A 68 4.97 12.99 0.77
C LEU A 68 4.67 11.99 -0.32
N TYR A 69 4.26 12.40 -1.52
CA TYR A 69 3.84 11.46 -2.56
C TYR A 69 4.81 11.62 -3.73
N PRO A 70 5.76 10.71 -3.89
CA PRO A 70 6.66 10.76 -5.05
C PRO A 70 6.07 10.11 -6.29
N SER A 71 4.87 9.56 -6.21
CA SER A 71 4.27 8.92 -7.37
C SER A 71 2.76 8.92 -7.22
N ARG A 72 2.10 8.58 -8.34
CA ARG A 72 0.66 8.38 -8.37
C ARG A 72 0.19 7.42 -7.30
N GLU A 73 0.96 6.34 -7.10
CA GLU A 73 0.46 5.19 -6.37
C GLU A 73 0.34 5.52 -4.88
N GLU A 74 1.31 6.23 -4.31
CA GLU A 74 1.29 6.60 -2.88
C GLU A 74 0.10 7.54 -2.65
N PHE A 75 -0.17 8.47 -3.57
CA PHE A 75 -1.31 9.38 -3.49
C PHE A 75 -2.62 8.60 -3.56
N ARG A 76 -2.74 7.71 -4.55
CA ARG A 76 -3.98 6.97 -4.74
C ARG A 76 -4.28 6.07 -3.55
N GLU A 77 -3.24 5.49 -2.93
CA GLU A 77 -3.48 4.62 -1.78
C GLU A 77 -4.12 5.38 -0.63
N HIS A 78 -3.64 6.60 -0.35
CA HIS A 78 -4.26 7.41 0.69
C HIS A 78 -5.66 7.82 0.28
N LEU A 79 -5.85 8.17 -0.98
CA LEU A 79 -7.20 8.51 -1.40
C LEU A 79 -8.14 7.31 -1.24
N GLU A 80 -7.67 6.11 -1.58
CA GLU A 80 -8.52 4.93 -1.44
C GLU A 80 -8.90 4.67 0.03
N LEU A 81 -8.06 5.09 0.99
CA LEU A 81 -8.45 4.93 2.40
C LEU A 81 -9.76 5.63 2.70
N ILE A 82 -10.01 6.78 2.05
CA ILE A 82 -11.25 7.51 2.27
C ILE A 82 -12.44 6.61 1.95
N VAL A 83 -12.36 5.89 0.83
CA VAL A 83 -13.44 5.00 0.43
C VAL A 83 -13.54 3.82 1.38
N LYS A 84 -12.41 3.18 1.66
CA LYS A 84 -12.42 1.99 2.52
C LYS A 84 -12.95 2.32 3.90
N ASN A 85 -12.53 3.45 4.45
CA ASN A 85 -13.02 3.84 5.78
C ASN A 85 -14.52 4.04 5.76
N SER A 86 -15.03 4.68 4.71
CA SER A 86 -16.47 4.89 4.66
C SER A 86 -17.19 3.56 4.53
N ALA A 87 -16.66 2.65 3.70
CA ALA A 87 -17.31 1.34 3.55
C ALA A 87 -17.39 0.60 4.87
N THR A 88 -16.33 0.68 5.68
CA THR A 88 -16.28 0.02 6.97
C THR A 88 -17.21 0.70 7.96
N TYR A 89 -17.12 2.02 8.07
CA TYR A 89 -17.83 2.70 9.13
C TYR A 89 -19.29 2.94 8.74
N ASN A 90 -19.53 3.45 7.52
CA ASN A 90 -20.89 3.76 7.09
C ASN A 90 -21.58 2.61 6.41
N GLY A 91 -20.83 1.77 5.71
CA GLY A 91 -21.34 0.62 5.01
C GLY A 91 -21.00 0.71 3.54
N PRO A 92 -20.85 -0.44 2.89
CA PRO A 92 -20.39 -0.47 1.49
C PRO A 92 -21.38 0.17 0.53
N LYS A 93 -22.68 0.21 0.84
CA LYS A 93 -23.65 0.76 -0.10
C LYS A 93 -24.20 2.10 0.35
N HIS A 94 -23.76 2.59 1.50
CA HIS A 94 -24.17 3.88 2.04
C HIS A 94 -23.88 4.96 1.01
N SER A 95 -24.77 5.98 0.95
CA SER A 95 -24.53 7.08 0.02
C SER A 95 -23.16 7.71 0.25
N LEU A 96 -22.73 7.82 1.48
CA LEU A 96 -21.40 8.40 1.70
C LEU A 96 -20.31 7.57 1.04
N THR A 97 -20.42 6.25 1.09
CA THR A 97 -19.40 5.44 0.41
C THR A 97 -19.49 5.59 -1.10
N GLN A 98 -20.71 5.66 -1.64
CA GLN A 98 -20.83 5.93 -3.08
C GLN A 98 -20.23 7.28 -3.44
N ILE A 99 -20.44 8.28 -2.60
CA ILE A 99 -19.84 9.59 -2.86
C ILE A 99 -18.32 9.50 -2.84
N SER A 100 -17.77 8.85 -1.82
CA SER A 100 -16.32 8.71 -1.79
C SER A 100 -15.80 7.97 -3.02
N GLN A 101 -16.53 6.96 -3.48
CA GLN A 101 -16.12 6.24 -4.70
C GLN A 101 -16.12 7.14 -5.92
N SER A 102 -17.06 8.09 -6.00
CA SER A 102 -17.05 9.02 -7.12
C SER A 102 -15.78 9.84 -7.15
N MET A 103 -15.22 10.14 -5.98
CA MET A 103 -13.94 10.85 -6.02
C MET A 103 -12.80 9.97 -6.49
N LEU A 104 -12.74 8.73 -6.03
CA LEU A 104 -11.70 7.83 -6.51
C LEU A 104 -11.85 7.58 -8.01
N ASP A 105 -13.09 7.46 -8.50
CA ASP A 105 -13.28 7.28 -9.93
C ASP A 105 -12.78 8.48 -10.73
N LEU A 106 -13.04 9.71 -10.25
CA LEU A 106 -12.55 10.88 -10.97
C LEU A 106 -11.03 10.96 -10.97
N CYS A 107 -10.42 10.65 -9.82
CA CYS A 107 -8.97 10.59 -9.74
C CYS A 107 -8.43 9.63 -10.81
N ASP A 108 -9.02 8.45 -10.90
CA ASP A 108 -8.54 7.47 -11.88
C ASP A 108 -8.71 7.98 -13.31
N GLU A 109 -9.82 8.68 -13.59
CA GLU A 109 -9.93 9.30 -14.92
C GLU A 109 -8.78 10.28 -15.15
N LYS A 110 -8.49 11.13 -14.17
CA LYS A 110 -7.44 12.14 -14.37
C LYS A 110 -6.06 11.49 -14.46
N LEU A 111 -5.78 10.48 -13.64
CA LEU A 111 -4.48 9.82 -13.74
C LEU A 111 -4.30 9.16 -15.10
N LYS A 112 -5.37 8.58 -15.67
CA LYS A 112 -5.25 8.01 -17.00
C LYS A 112 -4.97 9.08 -18.06
N GLU A 113 -5.68 10.21 -17.96
CA GLU A 113 -5.49 11.29 -18.92
C GLU A 113 -4.06 11.78 -18.91
N LYS A 114 -3.41 11.77 -17.74
CA LYS A 114 -2.07 12.34 -17.58
C LYS A 114 -0.99 11.28 -17.37
N GLU A 115 -1.22 10.05 -17.78
CA GLU A 115 -0.34 8.96 -17.36
C GLU A 115 1.07 9.12 -17.91
N ASP A 116 1.22 9.60 -19.16
CA ASP A 116 2.56 9.71 -19.72
C ASP A 116 3.38 10.80 -19.04
N LYS A 117 2.76 11.96 -18.79
CA LYS A 117 3.43 13.02 -18.05
C LYS A 117 3.78 12.56 -16.66
N LEU A 118 2.83 11.90 -15.98
CA LEU A 118 3.07 11.42 -14.63
C LEU A 118 4.21 10.39 -14.60
N ALA A 119 4.23 9.48 -15.57
CA ALA A 119 5.32 8.51 -15.65
C ALA A 119 6.68 9.19 -15.78
N ARG A 120 6.75 10.24 -16.61
CA ARG A 120 8.01 10.96 -16.79
C ARG A 120 8.46 11.60 -15.47
N LEU A 121 7.55 12.29 -14.80
CA LEU A 121 7.91 12.89 -13.52
C LEU A 121 8.33 11.84 -12.49
N GLU A 122 7.63 10.71 -12.44
CA GLU A 122 7.96 9.71 -11.43
C GLU A 122 9.37 9.17 -11.63
N LYS A 123 9.75 8.96 -12.90
CA LYS A 123 11.07 8.48 -13.24
C LYS A 123 12.13 9.53 -12.96
N ALA A 124 11.80 10.80 -13.14
CA ALA A 124 12.76 11.84 -12.83
C ALA A 124 12.95 11.98 -11.33
N ILE A 125 11.89 11.74 -10.55
CA ILE A 125 11.99 11.78 -9.10
C ILE A 125 12.75 10.57 -8.60
N ASN A 126 12.52 9.40 -9.18
CA ASN A 126 13.11 8.15 -8.74
C ASN A 126 13.49 7.32 -9.96
N PRO A 127 14.73 7.46 -10.42
CA PRO A 127 15.16 6.73 -11.63
C PRO A 127 15.04 5.22 -11.52
N LEU A 128 14.94 4.65 -10.33
CA LEU A 128 14.84 3.19 -10.27
C LEU A 128 13.53 2.69 -10.85
N LEU A 129 12.50 3.52 -10.91
CA LEU A 129 11.23 3.10 -11.52
C LEU A 129 11.38 2.81 -12.99
N ASP A 130 12.44 3.30 -13.62
CA ASP A 130 12.71 3.05 -15.02
C ASP A 130 13.82 2.03 -15.24
N ASP A 131 14.37 1.45 -14.18
CA ASP A 131 15.49 0.54 -14.29
C ASP A 131 14.96 -0.88 -14.54
N ASP A 132 15.42 -1.51 -15.63
CA ASP A 132 14.88 -2.81 -15.99
C ASP A 132 15.22 -3.87 -14.94
N ASP A 133 16.33 -3.72 -14.21
CA ASP A 133 16.65 -4.71 -13.17
C ASP A 133 15.74 -4.55 -11.95
N GLN A 134 15.44 -3.32 -11.54
CA GLN A 134 14.45 -3.12 -10.48
C GLN A 134 13.09 -3.69 -10.89
N VAL A 135 12.67 -3.43 -12.12
CA VAL A 135 11.36 -3.90 -12.57
C VAL A 135 11.31 -5.43 -12.58
N ALA A 136 12.36 -6.07 -13.08
CA ALA A 136 12.40 -7.52 -13.12
C ALA A 136 12.44 -8.12 -11.73
N PHE A 137 13.19 -7.50 -10.83
CA PHE A 137 13.27 -7.99 -9.46
C PHE A 137 11.89 -7.94 -8.80
N SER A 138 11.22 -6.80 -8.94
CA SER A 138 9.88 -6.67 -8.37
C SER A 138 8.91 -7.64 -8.99
N PHE A 139 9.02 -7.88 -10.29
CA PHE A 139 8.13 -8.84 -10.95
C PHE A 139 8.28 -10.24 -10.36
N ILE A 140 9.52 -10.65 -10.10
CA ILE A 140 9.77 -11.97 -9.52
C ILE A 140 9.16 -12.04 -8.11
N LEU A 141 9.40 -11.02 -7.30
CA LEU A 141 8.83 -11.02 -5.94
C LEU A 141 7.32 -11.11 -5.98
N ASP A 142 6.67 -10.37 -6.90
CA ASP A 142 5.22 -10.41 -6.94
C ASP A 142 4.74 -11.80 -7.30
N ASN A 143 5.45 -12.47 -8.21
CA ASN A 143 5.05 -13.83 -8.59
C ASN A 143 5.26 -14.81 -7.42
N ILE A 144 6.31 -14.63 -6.63
CA ILE A 144 6.45 -15.47 -5.43
C ILE A 144 5.26 -15.25 -4.50
N VAL A 145 4.85 -14.01 -4.32
CA VAL A 145 3.72 -13.75 -3.42
C VAL A 145 2.44 -14.37 -3.97
N THR A 146 2.10 -14.13 -5.25
CA THR A 146 0.80 -14.57 -5.75
C THR A 146 0.77 -16.07 -6.05
N GLN A 147 1.85 -16.61 -6.58
CA GLN A 147 1.80 -17.98 -7.08
C GLN A 147 2.25 -19.00 -6.04
N LYS A 148 3.03 -18.61 -5.04
CA LYS A 148 3.50 -19.52 -4.02
C LYS A 148 2.93 -19.19 -2.65
N MET A 149 3.11 -17.96 -2.16
CA MET A 149 2.76 -17.69 -0.77
C MET A 149 1.24 -17.63 -0.60
N MET A 150 0.54 -16.93 -1.51
CA MET A 150 -0.91 -16.89 -1.38
C MET A 150 -1.57 -18.20 -1.76
N ALA A 151 -0.83 -19.14 -2.37
CA ALA A 151 -1.36 -20.48 -2.69
C ALA A 151 -1.25 -21.45 -1.52
N VAL A 152 -0.61 -21.05 -0.44
CA VAL A 152 -0.56 -21.91 0.75
C VAL A 152 -1.98 -22.16 1.24
N PRO A 153 -2.35 -23.41 1.50
CA PRO A 153 -3.72 -23.70 1.97
C PRO A 153 -4.07 -22.90 3.22
N ASP A 154 -5.31 -22.40 3.24
CA ASP A 154 -5.84 -21.69 4.39
C ASP A 154 -5.02 -20.46 4.76
N SER A 155 -4.35 -19.85 3.78
CA SER A 155 -3.59 -18.62 4.02
C SER A 155 -4.45 -17.34 4.06
N TRP A 156 -5.77 -17.42 3.89
CA TRP A 156 -6.61 -16.21 3.85
C TRP A 156 -6.42 -15.22 4.99
N PRO A 157 -6.13 -15.64 6.24
CA PRO A 157 -5.99 -14.64 7.30
C PRO A 157 -4.88 -13.64 7.03
N PHE A 158 -3.93 -14.02 6.18
CA PHE A 158 -2.74 -13.24 5.94
C PHE A 158 -2.75 -12.52 4.60
N HIS A 159 -3.82 -12.62 3.83
CA HIS A 159 -3.87 -11.99 2.52
C HIS A 159 -4.13 -10.49 2.57
N HIS A 160 -4.74 -9.98 3.63
CA HIS A 160 -5.19 -8.58 3.69
C HIS A 160 -4.99 -8.07 5.11
N PRO A 161 -4.97 -6.76 5.29
CA PRO A 161 -4.95 -6.22 6.66
C PRO A 161 -6.19 -6.63 7.43
N VAL A 162 -5.97 -6.91 8.71
CA VAL A 162 -7.08 -7.18 9.61
C VAL A 162 -7.97 -5.94 9.66
N ASN A 163 -9.27 -6.16 9.58
CA ASN A 163 -10.24 -5.08 9.72
C ASN A 163 -10.59 -4.94 11.20
N LYS A 164 -10.23 -3.80 11.78
CA LYS A 164 -10.44 -3.57 13.21
C LYS A 164 -11.91 -3.61 13.59
N LYS A 165 -12.80 -3.34 12.65
CA LYS A 165 -14.21 -3.48 12.96
C LYS A 165 -14.54 -4.89 13.38
N PHE A 166 -13.86 -5.87 12.78
CA PHE A 166 -14.17 -7.25 13.04
C PHE A 166 -13.32 -7.86 14.14
N VAL A 167 -12.13 -7.32 14.35
CA VAL A 167 -11.22 -7.79 15.41
C VAL A 167 -10.76 -6.58 16.20
N PRO A 168 -11.55 -6.09 17.16
CA PRO A 168 -11.33 -4.74 17.69
C PRO A 168 -10.03 -4.52 18.44
N ASP A 169 -9.40 -5.55 19.02
CA ASP A 169 -8.17 -5.38 19.79
C ASP A 169 -6.92 -5.69 18.98
N TYR A 170 -7.06 -5.96 17.67
CA TYR A 170 -5.93 -6.50 16.92
C TYR A 170 -4.74 -5.53 16.94
N TYR A 171 -5.00 -4.24 16.75
CA TYR A 171 -3.91 -3.28 16.59
C TYR A 171 -3.44 -2.72 17.92
N LYS A 172 -4.14 -3.03 19.00
CA LYS A 172 -3.56 -2.79 20.30
C LYS A 172 -2.51 -3.83 20.67
N VAL A 173 -2.59 -5.03 20.10
CA VAL A 173 -1.60 -6.07 20.30
C VAL A 173 -0.51 -5.99 19.24
N ILE A 174 -0.92 -5.81 17.98
CA ILE A 174 -0.03 -5.81 16.83
C ILE A 174 0.12 -4.36 16.41
N VAL A 175 1.24 -3.74 16.79
CA VAL A 175 1.48 -2.34 16.46
C VAL A 175 2.28 -2.19 15.19
N ASN A 176 2.90 -3.25 14.68
CA ASN A 176 3.62 -3.25 13.41
C ASN A 176 3.02 -4.33 12.51
N PRO A 177 1.81 -4.11 12.01
CA PRO A 177 1.12 -5.13 11.21
C PRO A 177 1.70 -5.27 9.81
N MET A 178 1.48 -6.45 9.24
CA MET A 178 1.90 -6.69 7.86
C MET A 178 1.02 -7.80 7.30
N ASP A 179 0.83 -7.79 5.97
CA ASP A 179 -0.02 -8.78 5.32
C ASP A 179 0.46 -8.85 3.88
N LEU A 180 -0.02 -9.85 3.14
CA LEU A 180 0.51 -10.06 1.79
C LEU A 180 0.07 -8.98 0.81
N GLU A 181 -1.14 -8.41 0.98
CA GLU A 181 -1.57 -7.33 0.10
C GLU A 181 -0.66 -6.12 0.28
N THR A 182 -0.34 -5.76 1.53
CA THR A 182 0.58 -4.64 1.75
C THR A 182 1.94 -4.91 1.12
N ILE A 183 2.44 -6.15 1.22
CA ILE A 183 3.69 -6.48 0.55
C ILE A 183 3.55 -6.31 -0.95
N ARG A 184 2.44 -6.76 -1.56
CA ARG A 184 2.27 -6.55 -3.00
C ARG A 184 2.24 -5.06 -3.35
N LYS A 185 1.60 -4.24 -2.52
CA LYS A 185 1.59 -2.82 -2.78
C LYS A 185 3.01 -2.26 -2.72
N ASN A 186 3.77 -2.71 -1.72
CA ASN A 186 5.17 -2.30 -1.62
C ASN A 186 5.96 -2.72 -2.85
N ILE A 187 5.73 -3.94 -3.34
CA ILE A 187 6.42 -4.39 -4.55
C ILE A 187 6.07 -3.51 -5.75
N SER A 188 4.79 -3.16 -5.89
CA SER A 188 4.37 -2.34 -7.04
C SER A 188 5.04 -0.97 -6.99
N LYS A 189 5.32 -0.46 -5.79
CA LYS A 189 6.04 0.80 -5.61
C LYS A 189 7.55 0.61 -5.63
N HIS A 190 8.01 -0.61 -5.89
CA HIS A 190 9.45 -0.91 -5.96
C HIS A 190 10.15 -0.55 -4.66
N LYS A 191 9.50 -0.87 -3.53
CA LYS A 191 10.06 -0.61 -2.21
C LYS A 191 11.24 -1.50 -1.90
N TYR A 192 11.28 -2.70 -2.46
CA TYR A 192 12.29 -3.67 -2.12
C TYR A 192 13.38 -3.71 -3.18
N GLN A 193 14.60 -3.42 -2.76
CA GLN A 193 15.78 -3.52 -3.60
CA GLN A 193 15.77 -3.54 -3.62
C GLN A 193 16.63 -4.72 -3.25
N SER A 194 16.24 -5.49 -2.24
CA SER A 194 16.91 -6.73 -1.96
C SER A 194 16.00 -7.75 -1.31
N ARG A 195 16.52 -8.98 -1.22
CA ARG A 195 15.69 -10.02 -0.65
C ARG A 195 15.57 -9.80 0.85
N GLU A 196 16.59 -9.13 1.42
CA GLU A 196 16.61 -8.89 2.86
C GLU A 196 15.43 -8.01 3.24
N SER A 197 15.21 -6.91 2.51
CA SER A 197 14.11 -6.00 2.86
C SER A 197 12.74 -6.65 2.67
N PHE A 198 12.58 -7.45 1.61
CA PHE A 198 11.37 -8.22 1.37
C PHE A 198 11.12 -9.18 2.53
N LEU A 199 12.17 -9.88 2.99
CA LEU A 199 12.04 -10.84 4.07
C LEU A 199 11.77 -10.18 5.42
N ASP A 200 12.18 -8.91 5.60
CA ASP A 200 11.80 -8.20 6.81
C ASP A 200 10.27 -8.14 6.95
N ASP A 201 9.58 -7.80 5.86
CA ASP A 201 8.11 -7.73 5.88
C ASP A 201 7.48 -9.11 5.90
N VAL A 202 8.00 -10.06 5.13
CA VAL A 202 7.42 -11.41 5.16
C VAL A 202 7.47 -11.96 6.59
N ASN A 203 8.63 -11.84 7.24
CA ASN A 203 8.75 -12.40 8.57
C ASN A 203 7.88 -11.68 9.57
N LEU A 204 7.55 -10.42 9.34
CA LEU A 204 6.67 -9.70 10.26
C LEU A 204 5.29 -10.34 10.29
N ILE A 205 4.84 -10.91 9.17
CA ILE A 205 3.55 -11.61 9.18
C ILE A 205 3.60 -12.76 10.17
N LEU A 206 4.69 -13.51 10.16
CA LEU A 206 4.80 -14.64 11.08
C LEU A 206 4.95 -14.17 12.53
N ALA A 207 5.79 -13.18 12.76
CA ALA A 207 5.97 -12.67 14.11
C ALA A 207 4.66 -12.18 14.68
N ASN A 208 3.86 -11.50 13.87
CA ASN A 208 2.58 -11.03 14.37
C ASN A 208 1.63 -12.16 14.71
N SER A 209 1.68 -13.27 13.95
CA SER A 209 0.83 -14.41 14.28
C SER A 209 1.27 -15.06 15.58
N VAL A 210 2.59 -15.20 15.78
CA VAL A 210 3.08 -15.72 17.05
C VAL A 210 2.57 -14.88 18.20
N LYS A 211 2.65 -13.55 18.06
CA LYS A 211 2.26 -12.66 19.15
C LYS A 211 0.76 -12.69 19.40
N TYR A 212 -0.04 -12.62 18.33
CA TYR A 212 -1.49 -12.49 18.53
C TYR A 212 -2.15 -13.85 18.78
N ASN A 213 -1.73 -14.89 18.05
CA ASN A 213 -2.37 -16.21 18.08
C ASN A 213 -1.64 -17.24 18.93
N GLY A 214 -0.36 -17.09 19.11
CA GLY A 214 0.39 -18.04 19.87
C GLY A 214 1.25 -18.88 18.94
N PRO A 215 2.36 -19.37 19.46
CA PRO A 215 3.29 -20.14 18.63
C PRO A 215 2.75 -21.46 18.15
N GLU A 216 1.75 -22.03 18.82
CA GLU A 216 1.30 -23.37 18.45
C GLU A 216 -0.05 -23.32 17.72
N SER A 217 -0.55 -22.11 17.45
CA SER A 217 -1.84 -21.97 16.79
C SER A 217 -1.81 -22.44 15.34
N GLN A 218 -2.96 -22.89 14.84
CA GLN A 218 -3.00 -23.23 13.41
C GLN A 218 -2.70 -22.01 12.55
N TYR A 219 -3.11 -20.81 13.01
CA TYR A 219 -2.77 -19.60 12.27
C TYR A 219 -1.27 -19.46 12.11
N THR A 220 -0.53 -19.73 13.16
CA THR A 220 0.93 -19.60 13.09
C THR A 220 1.57 -20.70 12.26
N LYS A 221 1.02 -21.91 12.30
CA LYS A 221 1.55 -22.96 11.44
C LYS A 221 1.41 -22.58 9.97
N THR A 222 0.26 -22.01 9.60
CA THR A 222 0.05 -21.51 8.24
C THR A 222 1.02 -20.37 7.90
N ALA A 223 1.18 -19.42 8.80
CA ALA A 223 2.14 -18.34 8.52
C ALA A 223 3.54 -18.92 8.36
N GLN A 224 3.89 -19.94 9.15
CA GLN A 224 5.19 -20.57 9.00
C GLN A 224 5.36 -21.18 7.62
N GLU A 225 4.30 -21.79 7.08
CA GLU A 225 4.39 -22.38 5.74
C GLU A 225 4.56 -21.28 4.69
N ILE A 226 3.88 -20.16 4.88
CA ILE A 226 4.06 -19.04 3.97
C ILE A 226 5.52 -18.60 3.95
N VAL A 227 6.11 -18.45 5.13
CA VAL A 227 7.51 -18.04 5.18
C VAL A 227 8.40 -19.10 4.57
N ASN A 228 8.13 -20.37 4.87
CA ASN A 228 8.97 -21.45 4.35
C ASN A 228 8.92 -21.54 2.82
N VAL A 229 7.74 -21.37 2.23
CA VAL A 229 7.73 -21.47 0.77
C VAL A 229 8.38 -20.23 0.16
N CYS A 230 8.35 -19.10 0.87
CA CYS A 230 9.10 -17.93 0.41
C CYS A 230 10.60 -18.22 0.38
N TYR A 231 11.14 -18.74 1.47
CA TYR A 231 12.58 -19.05 1.46
C TYR A 231 12.90 -20.06 0.38
N GLN A 232 12.09 -21.11 0.27
CA GLN A 232 12.34 -22.13 -0.74
C GLN A 232 12.36 -21.56 -2.15
N THR A 233 11.42 -20.67 -2.45
CA THR A 233 11.33 -20.14 -3.81
C THR A 233 12.44 -19.11 -4.07
N LEU A 234 12.76 -18.26 -3.09
CA LEU A 234 13.90 -17.37 -3.25
C LEU A 234 15.17 -18.16 -3.53
N THR A 235 15.35 -19.30 -2.85
CA THR A 235 16.56 -20.11 -3.08
C THR A 235 16.60 -20.67 -4.50
N GLU A 236 15.46 -21.06 -5.04
CA GLU A 236 15.41 -21.58 -6.40
C GLU A 236 15.87 -20.53 -7.39
N TYR A 237 15.55 -19.28 -7.15
CA TYR A 237 15.92 -18.17 -8.02
C TYR A 237 17.18 -17.43 -7.55
N ASP A 238 18.02 -18.08 -6.73
CA ASP A 238 19.11 -17.35 -6.08
C ASP A 238 20.02 -16.65 -7.09
N GLU A 239 20.32 -17.29 -8.22
CA GLU A 239 21.42 -16.75 -9.00
C GLU A 239 20.92 -15.54 -9.78
N HIS A 240 19.68 -15.62 -10.27
CA HIS A 240 19.06 -14.46 -10.92
C HIS A 240 18.81 -13.33 -9.95
N LEU A 241 18.28 -13.61 -8.76
CA LEU A 241 18.02 -12.55 -7.80
C LEU A 241 19.31 -11.87 -7.35
N THR A 242 20.41 -12.63 -7.21
CA THR A 242 21.68 -12.01 -6.82
C THR A 242 22.16 -11.04 -7.89
N GLN A 243 22.01 -11.40 -9.18
CA GLN A 243 22.42 -10.52 -10.25
C GLN A 243 21.60 -9.25 -10.26
N LEU A 244 20.29 -9.39 -10.09
CA LEU A 244 19.43 -8.22 -10.08
C LEU A 244 19.77 -7.30 -8.93
N GLU A 245 20.03 -7.86 -7.74
CA GLU A 245 20.34 -7.01 -6.60
C GLU A 245 21.64 -6.24 -6.80
N LYS A 246 22.64 -6.90 -7.39
CA LYS A 246 23.89 -6.22 -7.69
C LYS A 246 23.65 -5.09 -8.67
N ASP A 247 22.88 -5.35 -9.72
CA ASP A 247 22.69 -4.33 -10.72
C ASP A 247 21.81 -3.21 -10.21
N ILE A 248 20.88 -3.51 -9.29
CA ILE A 248 20.09 -2.45 -8.68
C ILE A 248 20.99 -1.55 -7.84
N CYS A 249 21.89 -2.17 -7.05
CA CYS A 249 22.82 -1.37 -6.27
C CYS A 249 23.63 -0.44 -7.16
N THR A 250 24.14 -0.96 -8.29
CA THR A 250 24.89 -0.11 -9.22
C THR A 250 24.04 1.04 -9.75
N ALA A 251 22.79 0.75 -10.12
CA ALA A 251 21.89 1.81 -10.58
C ALA A 251 21.66 2.83 -9.48
N LYS A 252 21.46 2.36 -8.25
CA LYS A 252 21.22 3.24 -7.10
C LYS A 252 22.41 4.16 -6.86
N GLU A 253 23.63 3.63 -6.97
CA GLU A 253 24.83 4.44 -6.74
C GLU A 253 25.05 5.45 -7.86
N ALA A 254 24.71 5.09 -9.09
CA ALA A 254 24.91 5.96 -10.23
C ALA A 254 23.97 7.17 -10.23
N ALA A 255 22.85 7.07 -9.54
CA ALA A 255 21.92 8.19 -9.45
C ALA A 255 22.41 9.27 -8.49
#